data_7OB8
#
_entry.id   7OB8
#
_cell.length_a   82.643
_cell.length_b   111.746
_cell.length_c   62.484
_cell.angle_alpha   90.000
_cell.angle_beta   90.000
_cell.angle_gamma   90.000
#
_symmetry.space_group_name_H-M   'C 2 2 21'
#
loop_
_entity.id
_entity.type
_entity.pdbx_description
1 polymer '14-3-3 protein sigma'
2 polymer 'LDB1 phosphopeptide'
3 non-polymer FUSICOCCIN
4 non-polymer 'CHLORIDE ION'
5 non-polymer 'MAGNESIUM ION'
6 water water
#
loop_
_entity_poly.entity_id
_entity_poly.type
_entity_poly.pdbx_seq_one_letter_code
_entity_poly.pdbx_strand_id
1 'polypeptide(L)'
;GAMGSMERASLIQKAKLAEQAERYEDMAAFMKGAVEKGEELS(CSO)EERNLLSVAYKNVVGGQRAAWRVLSSIEQKSNE
EGSEEKGPEVREYREKVETELQGVCDTVLGLLDSHLIKEAGDAESRVFYLKMKGDYYRYLAEVATGDDKKRIIDSARSAY
QEAMDISKKEMPPTNPIRLGLALNFSVFHYEIANSPEEAISLAKTTFDEAMADLHTLSEDSYKDSTLIMQLLRDNLTLWT
ADNAGEEGGEAPQEPQS
;
A
2 'polypeptide(L)' KSENPTSQA(SEP)Q B
#
# COMPACT_ATOMS: atom_id res chain seq x y z
N GLY A 1 19.41 -4.86 14.50
CA GLY A 1 19.02 -3.52 13.96
C GLY A 1 20.18 -2.56 13.86
N ALA A 2 20.59 -2.26 12.61
CA ALA A 2 21.70 -1.34 12.39
C ALA A 2 21.36 0.08 12.82
N MET A 3 20.09 0.38 13.11
CA MET A 3 19.69 1.68 13.57
C MET A 3 19.52 1.72 15.09
N GLY A 4 19.86 0.64 15.78
CA GLY A 4 19.62 0.58 17.22
C GLY A 4 20.38 1.63 18.00
N SER A 5 21.51 2.09 17.49
CA SER A 5 22.32 3.05 18.24
C SER A 5 21.96 4.51 17.94
N MET A 6 21.05 4.77 17.01
CA MET A 6 20.67 6.15 16.69
C MET A 6 19.41 6.56 17.44
N GLU A 7 19.42 7.79 17.94
CA GLU A 7 18.27 8.37 18.61
C GLU A 7 17.02 8.33 17.73
N ARG A 8 15.88 8.07 18.36
CA ARG A 8 14.61 8.09 17.63
C ARG A 8 14.44 9.39 16.85
N ALA A 9 14.64 10.54 17.52
CA ALA A 9 14.43 11.82 16.87
C ALA A 9 15.37 12.00 15.69
N SER A 10 16.59 11.46 15.79
CA SER A 10 17.55 11.58 14.70
C SER A 10 17.12 10.74 13.50
N LEU A 11 16.56 9.55 13.77
CA LEU A 11 16.03 8.71 12.71
C LEU A 11 14.90 9.41 11.95
N ILE A 12 13.99 10.04 12.70
CA ILE A 12 12.90 10.78 12.07
C ILE A 12 13.45 11.94 11.25
N GLN A 13 14.40 12.71 11.81
CA GLN A 13 15.00 13.81 11.08
C GLN A 13 15.65 13.31 9.78
N LYS A 14 16.40 12.21 9.86
CA LYS A 14 17.08 11.71 8.67
C LYS A 14 16.08 11.13 7.66
N ALA A 15 14.98 10.54 8.12
CA ALA A 15 13.95 10.10 7.19
C ALA A 15 13.40 11.27 6.39
N LYS A 16 13.20 12.42 7.04
CA LYS A 16 12.73 13.60 6.31
C LYS A 16 13.78 14.09 5.31
N LEU A 17 15.05 14.03 5.68
CA LEU A 17 16.12 14.41 4.75
C LEU A 17 16.18 13.44 3.56
N ALA A 18 16.07 12.14 3.84
CA ALA A 18 16.06 11.15 2.76
C ALA A 18 14.89 11.39 1.82
N GLU A 19 13.71 11.74 2.36
CA GLU A 19 12.57 12.07 1.51
C GLU A 19 12.92 13.22 0.57
N GLN A 20 13.50 14.29 1.11
CA GLN A 20 13.86 15.43 0.27
C GLN A 20 14.88 15.04 -0.79
N ALA A 21 15.75 14.07 -0.51
CA ALA A 21 16.76 13.62 -1.47
C ALA A 21 16.28 12.48 -2.35
N GLU A 22 15.03 12.06 -2.18
CA GLU A 22 14.43 10.93 -2.91
C GLU A 22 15.27 9.66 -2.73
N ARG A 23 15.80 9.49 -1.52
CA ARG A 23 16.55 8.30 -1.15
C ARG A 23 15.61 7.40 -0.33
N TYR A 24 14.71 6.70 -1.02
CA TYR A 24 13.62 6.05 -0.33
C TYR A 24 14.04 4.80 0.41
N GLU A 25 15.05 4.08 -0.08
N GLU A 25 15.05 4.08 -0.08
CA GLU A 25 15.57 2.94 0.66
CA GLU A 25 15.58 2.94 0.66
C GLU A 25 16.12 3.40 2.01
C GLU A 25 16.12 3.39 2.01
N ASP A 26 16.91 4.47 2.02
CA ASP A 26 17.38 5.05 3.27
C ASP A 26 16.21 5.45 4.15
N MET A 27 15.26 6.16 3.56
CA MET A 27 14.08 6.61 4.29
C MET A 27 13.39 5.44 4.99
N ALA A 28 13.22 4.33 4.27
CA ALA A 28 12.55 3.16 4.85
C ALA A 28 13.35 2.56 5.99
N ALA A 29 14.68 2.51 5.84
CA ALA A 29 15.53 1.97 6.89
C ALA A 29 15.49 2.85 8.13
N PHE A 30 15.53 4.18 7.95
CA PHE A 30 15.42 5.09 9.09
C PHE A 30 14.07 4.90 9.79
N MET A 31 12.99 4.79 9.03
CA MET A 31 11.67 4.67 9.66
C MET A 31 11.49 3.30 10.31
N LYS A 32 12.04 2.23 9.71
CA LYS A 32 12.04 0.94 10.38
C LYS A 32 12.74 1.04 11.73
N GLY A 33 13.91 1.69 11.76
CA GLY A 33 14.60 1.89 13.01
C GLY A 33 13.79 2.67 14.02
N ALA A 34 13.08 3.70 13.57
CA ALA A 34 12.20 4.46 14.47
C ALA A 34 11.08 3.59 15.04
N VAL A 35 10.42 2.80 14.18
CA VAL A 35 9.39 1.89 14.67
C VAL A 35 9.96 0.96 15.73
N GLU A 36 11.16 0.46 15.49
CA GLU A 36 11.75 -0.52 16.39
C GLU A 36 12.17 0.07 17.74
N LYS A 37 12.05 1.39 17.92
CA LYS A 37 12.24 1.95 19.25
C LYS A 37 11.10 1.59 20.19
N GLY A 38 9.96 1.15 19.67
CA GLY A 38 8.90 0.63 20.50
C GLY A 38 7.83 1.62 20.89
N GLU A 39 8.01 2.89 20.55
CA GLU A 39 6.99 3.91 20.82
C GLU A 39 6.01 3.99 19.65
N GLU A 40 4.79 4.38 19.94
CA GLU A 40 3.82 4.58 18.87
C GLU A 40 4.29 5.71 17.96
N LEU A 41 3.79 5.71 16.73
CA LEU A 41 4.12 6.72 15.74
C LEU A 41 3.05 7.80 15.72
N SER A 42 3.47 9.05 15.61
CA SER A 42 2.54 10.16 15.40
C SER A 42 1.95 10.11 14.00
N GLU A 44 2.29 12.31 11.55
CA GLU A 44 3.33 12.68 10.59
C GLU A 44 4.32 11.52 10.39
N GLU A 45 4.63 10.83 11.47
CA GLU A 45 5.58 9.72 11.40
C GLU A 45 5.00 8.53 10.64
N ARG A 46 3.71 8.28 10.81
CA ARG A 46 3.07 7.20 10.05
C ARG A 46 3.14 7.48 8.57
N ASN A 47 2.92 8.74 8.17
CA ASN A 47 3.01 9.11 6.77
C ASN A 47 4.42 8.90 6.23
N LEU A 48 5.47 9.22 7.01
CA LEU A 48 6.83 8.97 6.55
C LEU A 48 7.06 7.48 6.32
N LEU A 49 6.60 6.65 7.24
CA LEU A 49 6.73 5.20 7.09
C LEU A 49 6.10 4.71 5.80
N SER A 50 4.86 5.14 5.55
CA SER A 50 4.13 4.61 4.39
C SER A 50 4.71 5.15 3.09
N VAL A 51 5.13 6.42 3.06
CA VAL A 51 5.71 6.96 1.83
C VAL A 51 7.01 6.24 1.49
N ALA A 52 7.84 5.98 2.50
CA ALA A 52 9.13 5.35 2.24
C ALA A 52 8.93 3.98 1.59
N TYR A 53 8.14 3.11 2.22
CA TYR A 53 7.99 1.77 1.68
C TYR A 53 7.14 1.75 0.42
N LYS A 54 6.18 2.66 0.28
CA LYS A 54 5.42 2.76 -0.96
C LYS A 54 6.34 2.98 -2.15
N ASN A 55 7.35 3.84 -1.97
CA ASN A 55 8.27 4.13 -3.08
C ASN A 55 9.25 2.99 -3.31
N VAL A 56 9.74 2.35 -2.25
CA VAL A 56 10.64 1.21 -2.43
C VAL A 56 9.93 0.09 -3.19
N VAL A 57 8.80 -0.37 -2.67
N VAL A 57 8.80 -0.38 -2.67
CA VAL A 57 8.06 -1.47 -3.29
CA VAL A 57 8.10 -1.48 -3.32
C VAL A 57 7.50 -1.04 -4.64
C VAL A 57 7.52 -1.04 -4.66
N GLY A 58 7.16 0.24 -4.78
CA GLY A 58 6.67 0.73 -6.07
C GLY A 58 7.68 0.53 -7.18
N GLY A 59 8.95 0.84 -6.90
CA GLY A 59 9.99 0.61 -7.90
C GLY A 59 10.20 -0.87 -8.18
N GLN A 60 10.15 -1.71 -7.14
CA GLN A 60 10.29 -3.15 -7.34
C GLN A 60 9.15 -3.70 -8.18
N ARG A 61 7.93 -3.22 -7.95
CA ARG A 61 6.79 -3.70 -8.70
C ARG A 61 6.89 -3.32 -10.16
N ALA A 62 7.32 -2.08 -10.44
CA ALA A 62 7.46 -1.64 -11.82
C ALA A 62 8.51 -2.47 -12.54
N ALA A 63 9.61 -2.78 -11.87
CA ALA A 63 10.63 -3.64 -12.48
C ALA A 63 10.11 -5.06 -12.67
N TRP A 64 9.41 -5.60 -11.68
CA TRP A 64 8.84 -6.95 -11.82
C TRP A 64 7.90 -7.02 -13.00
N ARG A 65 7.06 -6.00 -13.19
CA ARG A 65 6.13 -6.01 -14.32
C ARG A 65 6.86 -5.98 -15.66
N VAL A 66 7.92 -5.17 -15.77
CA VAL A 66 8.72 -5.16 -16.99
C VAL A 66 9.27 -6.56 -17.28
N LEU A 67 9.90 -7.18 -16.26
CA LEU A 67 10.53 -8.48 -16.47
C LEU A 67 9.50 -9.57 -16.72
N SER A 68 8.39 -9.56 -15.97
CA SER A 68 7.35 -10.56 -16.18
C SER A 68 6.79 -10.48 -17.61
N SER A 69 6.67 -9.27 -18.15
CA SER A 69 6.19 -9.10 -19.51
C SER A 69 7.19 -9.69 -20.51
N ILE A 70 8.48 -9.43 -20.32
CA ILE A 70 9.51 -10.04 -21.15
C ILE A 70 9.45 -11.56 -21.04
N GLU A 71 9.26 -12.06 -19.82
CA GLU A 71 9.21 -13.50 -19.61
C GLU A 71 8.02 -14.12 -20.36
N GLN A 72 6.85 -13.49 -20.24
CA GLN A 72 5.66 -13.99 -20.93
C GLN A 72 5.88 -14.04 -22.43
N LYS A 73 6.40 -12.95 -23.00
CA LYS A 73 6.69 -12.93 -24.43
C LYS A 73 7.64 -14.06 -24.80
N SER A 74 8.64 -14.33 -23.96
CA SER A 74 9.61 -15.37 -24.25
C SER A 74 9.01 -16.77 -24.18
N ASN A 75 7.80 -16.92 -23.65
CA ASN A 75 7.14 -18.21 -23.53
C ASN A 75 5.95 -18.35 -24.49
N GLU A 76 5.97 -17.60 -25.60
CA GLU A 76 4.90 -17.64 -26.57
C GLU A 76 5.28 -18.57 -27.73
N GLU A 77 4.43 -18.62 -28.74
CA GLU A 77 4.69 -19.43 -29.93
C GLU A 77 5.57 -18.65 -30.90
N GLY A 78 6.63 -19.29 -31.37
CA GLY A 78 7.57 -18.64 -32.28
C GLY A 78 8.69 -17.88 -31.60
N SER A 79 8.78 -17.93 -30.28
CA SER A 79 9.83 -17.23 -29.54
C SER A 79 11.08 -18.10 -29.46
N GLU A 80 12.24 -17.45 -29.53
CA GLU A 80 13.51 -18.14 -29.47
C GLU A 80 13.92 -18.32 -28.02
N GLU A 81 14.29 -19.55 -27.66
CA GLU A 81 14.71 -19.85 -26.29
C GLU A 81 15.87 -18.96 -25.88
N LYS A 82 15.66 -18.15 -24.85
CA LYS A 82 16.70 -17.28 -24.32
C LYS A 82 17.47 -17.91 -23.17
N GLY A 83 17.07 -19.09 -22.70
CA GLY A 83 17.69 -19.71 -21.56
C GLY A 83 16.97 -19.34 -20.28
N PRO A 84 17.58 -19.64 -19.13
CA PRO A 84 16.93 -19.39 -17.85
C PRO A 84 17.06 -17.97 -17.33
N GLU A 85 17.75 -17.08 -18.05
CA GLU A 85 18.15 -15.81 -17.45
C GLU A 85 16.97 -14.92 -17.13
N VAL A 86 15.96 -14.87 -18.01
CA VAL A 86 14.83 -13.98 -17.76
C VAL A 86 14.05 -14.43 -16.52
N ARG A 87 13.76 -15.73 -16.44
CA ARG A 87 13.10 -16.25 -15.24
C ARG A 87 13.95 -16.00 -14.02
N GLU A 88 15.26 -16.23 -14.12
CA GLU A 88 16.12 -16.11 -12.95
C GLU A 88 16.08 -14.68 -12.41
N TYR A 89 16.16 -13.70 -13.31
CA TYR A 89 16.26 -12.32 -12.86
C TYR A 89 14.90 -11.81 -12.38
N ARG A 90 13.81 -12.24 -13.04
CA ARG A 90 12.48 -11.95 -12.49
C ARG A 90 12.31 -12.53 -11.10
N GLU A 91 12.77 -13.77 -10.88
CA GLU A 91 12.71 -14.37 -9.55
C GLU A 91 13.54 -13.58 -8.55
N LYS A 92 14.68 -13.03 -8.97
CA LYS A 92 15.51 -12.26 -8.06
C LYS A 92 14.77 -11.01 -7.58
N VAL A 93 14.18 -10.27 -8.53
CA VAL A 93 13.42 -9.07 -8.18
C VAL A 93 12.21 -9.44 -7.33
N GLU A 94 11.50 -10.50 -7.73
CA GLU A 94 10.33 -10.96 -7.00
C GLU A 94 10.69 -11.29 -5.55
N THR A 95 11.80 -11.99 -5.34
CA THR A 95 12.19 -12.37 -3.99
C THR A 95 12.55 -11.14 -3.15
N GLU A 96 13.19 -10.15 -3.77
N GLU A 96 13.19 -10.15 -3.76
CA GLU A 96 13.51 -8.91 -3.06
CA GLU A 96 13.51 -8.93 -3.02
C GLU A 96 12.25 -8.15 -2.69
C GLU A 96 12.23 -8.15 -2.68
N LEU A 97 11.30 -8.08 -3.63
CA LEU A 97 10.01 -7.45 -3.37
C LEU A 97 9.28 -8.15 -2.22
N GLN A 98 9.21 -9.47 -2.27
CA GLN A 98 8.57 -10.21 -1.19
C GLN A 98 9.24 -9.96 0.15
N GLY A 99 10.58 -9.81 0.15
CA GLY A 99 11.27 -9.53 1.39
C GLY A 99 10.88 -8.20 1.99
N VAL A 100 10.72 -7.19 1.14
CA VAL A 100 10.31 -5.89 1.64
C VAL A 100 8.89 -5.96 2.19
N CYS A 101 7.98 -6.61 1.45
CA CYS A 101 6.62 -6.76 1.96
C CYS A 101 6.62 -7.49 3.30
N ASP A 102 7.41 -8.55 3.42
CA ASP A 102 7.48 -9.28 4.69
C ASP A 102 7.98 -8.37 5.81
N THR A 103 8.94 -7.50 5.51
CA THR A 103 9.47 -6.59 6.52
C THR A 103 8.40 -5.63 7.01
N VAL A 104 7.67 -5.02 6.07
CA VAL A 104 6.60 -4.11 6.44
C VAL A 104 5.54 -4.83 7.26
N LEU A 105 5.11 -6.00 6.79
CA LEU A 105 4.09 -6.76 7.50
C LEU A 105 4.55 -7.14 8.90
N GLY A 106 5.85 -7.43 9.05
CA GLY A 106 6.38 -7.74 10.37
C GLY A 106 6.37 -6.54 11.29
N LEU A 107 6.62 -5.35 10.76
CA LEU A 107 6.55 -4.14 11.58
C LEU A 107 5.11 -3.90 12.02
N LEU A 108 4.16 -4.07 11.11
CA LEU A 108 2.76 -3.89 11.49
C LEU A 108 2.36 -4.90 12.56
N ASP A 109 2.88 -6.12 12.48
CA ASP A 109 2.53 -7.15 13.45
C ASP A 109 3.38 -7.09 14.71
N SER A 110 4.47 -6.31 14.73
CA SER A 110 5.40 -6.24 15.86
C SER A 110 5.93 -4.81 16.03
N HIS A 111 5.12 -3.90 16.56
CA HIS A 111 3.82 -4.17 17.19
C HIS A 111 2.86 -3.00 16.92
N LEU A 112 2.90 -2.46 15.71
CA LEU A 112 2.14 -1.24 15.40
C LEU A 112 0.64 -1.45 15.54
N ILE A 113 0.11 -2.52 14.96
CA ILE A 113 -1.34 -2.69 14.95
C ILE A 113 -1.86 -2.94 16.35
N LYS A 114 -1.19 -3.79 17.12
CA LYS A 114 -1.74 -4.14 18.43
C LYS A 114 -1.77 -2.95 19.38
N GLU A 115 -0.87 -1.99 19.23
CA GLU A 115 -0.87 -0.82 20.11
C GLU A 115 -1.68 0.36 19.56
N ALA A 116 -2.26 0.24 18.36
CA ALA A 116 -2.99 1.34 17.73
C ALA A 116 -4.45 1.31 18.18
N GLY A 117 -4.84 2.29 18.99
CA GLY A 117 -6.18 2.34 19.54
C GLY A 117 -7.10 3.36 18.88
N ASP A 118 -6.53 4.48 18.46
CA ASP A 118 -7.32 5.49 17.77
C ASP A 118 -7.65 5.05 16.36
N ALA A 119 -8.82 5.46 15.87
CA ALA A 119 -9.26 5.06 14.54
C ALA A 119 -8.26 5.44 13.47
N GLU A 120 -7.71 6.66 13.55
CA GLU A 120 -6.84 7.12 12.47
C GLU A 120 -5.56 6.29 12.38
N SER A 121 -5.03 5.82 13.51
CA SER A 121 -3.85 4.97 13.45
C SER A 121 -4.22 3.54 13.11
N ARG A 122 -5.29 3.00 13.69
CA ARG A 122 -5.62 1.61 13.44
C ARG A 122 -6.01 1.39 11.99
N VAL A 123 -6.84 2.27 11.42
CA VAL A 123 -7.23 2.12 10.02
C VAL A 123 -6.04 2.29 9.10
N PHE A 124 -5.18 3.27 9.40
CA PHE A 124 -3.96 3.49 8.64
C PHE A 124 -3.13 2.22 8.53
N TYR A 125 -2.85 1.58 9.67
CA TYR A 125 -1.99 0.40 9.66
C TYR A 125 -2.67 -0.79 9.01
N LEU A 126 -3.98 -0.96 9.23
CA LEU A 126 -4.70 -2.06 8.60
C LEU A 126 -4.77 -1.87 7.09
N LYS A 127 -4.93 -0.63 6.63
CA LYS A 127 -4.81 -0.36 5.19
C LYS A 127 -3.44 -0.79 4.68
N MET A 128 -2.37 -0.40 5.38
CA MET A 128 -1.04 -0.82 4.96
C MET A 128 -0.94 -2.35 4.88
N LYS A 129 -1.49 -3.04 5.88
CA LYS A 129 -1.44 -4.51 5.87
C LYS A 129 -2.14 -5.04 4.63
N GLY A 130 -3.32 -4.52 4.30
CA GLY A 130 -3.97 -4.91 3.05
C GLY A 130 -3.12 -4.59 1.83
N ASP A 131 -2.53 -3.40 1.79
CA ASP A 131 -1.70 -3.02 0.65
C ASP A 131 -0.56 -4.01 0.44
N TYR A 132 0.15 -4.38 1.51
CA TYR A 132 1.34 -5.20 1.29
C TYR A 132 1.01 -6.66 1.05
N TYR A 133 -0.13 -7.15 1.56
CA TYR A 133 -0.58 -8.46 1.10
C TYR A 133 -1.04 -8.42 -0.35
N ARG A 134 -1.64 -7.31 -0.77
CA ARG A 134 -1.99 -7.13 -2.18
C ARG A 134 -0.76 -7.20 -3.07
N TYR A 135 0.33 -6.53 -2.66
CA TYR A 135 1.55 -6.60 -3.47
C TYR A 135 2.08 -8.04 -3.52
N LEU A 136 1.99 -8.76 -2.40
CA LEU A 136 2.36 -10.17 -2.44
C LEU A 136 1.44 -10.96 -3.37
N ALA A 137 0.16 -10.62 -3.37
CA ALA A 137 -0.79 -11.33 -4.24
C ALA A 137 -0.50 -11.11 -5.71
N GLU A 138 0.04 -9.93 -6.07
CA GLU A 138 0.29 -9.63 -7.48
C GLU A 138 1.31 -10.58 -8.09
N VAL A 139 2.21 -11.12 -7.28
CA VAL A 139 3.27 -12.00 -7.77
C VAL A 139 3.06 -13.44 -7.33
N ALA A 140 2.01 -13.74 -6.57
CA ALA A 140 1.82 -15.08 -6.05
C ALA A 140 1.22 -15.99 -7.12
N THR A 141 1.66 -17.25 -7.12
CA THR A 141 1.17 -18.25 -8.07
C THR A 141 1.01 -19.64 -7.47
N GLY A 142 1.61 -19.95 -6.33
CA GLY A 142 1.60 -21.29 -5.78
C GLY A 142 0.39 -21.55 -4.90
N ASP A 143 0.57 -22.51 -3.99
CA ASP A 143 -0.50 -22.94 -3.08
C ASP A 143 -0.85 -21.91 -2.02
N ASP A 144 -0.27 -20.71 -2.08
CA ASP A 144 -0.55 -19.67 -1.09
C ASP A 144 -1.29 -18.48 -1.67
N LYS A 145 -1.53 -18.43 -2.98
CA LYS A 145 -2.19 -17.28 -3.57
C LYS A 145 -3.52 -17.00 -2.87
N LYS A 146 -4.34 -18.03 -2.67
CA LYS A 146 -5.66 -17.81 -2.08
C LYS A 146 -5.56 -17.30 -0.65
N ARG A 147 -4.62 -17.82 0.13
CA ARG A 147 -4.48 -17.36 1.50
C ARG A 147 -3.96 -15.94 1.56
N ILE A 148 -3.04 -15.59 0.66
CA ILE A 148 -2.53 -14.22 0.62
C ILE A 148 -3.66 -13.26 0.27
N ILE A 149 -4.45 -13.59 -0.76
CA ILE A 149 -5.58 -12.76 -1.16
C ILE A 149 -6.55 -12.58 0.01
N ASP A 150 -6.82 -13.66 0.75
CA ASP A 150 -7.77 -13.53 1.85
C ASP A 150 -7.18 -12.72 3.00
N SER A 151 -5.86 -12.78 3.17
CA SER A 151 -5.23 -11.94 4.19
C SER A 151 -5.36 -10.47 3.84
N ALA A 152 -5.21 -10.13 2.56
CA ALA A 152 -5.43 -8.75 2.13
C ALA A 152 -6.88 -8.34 2.36
N ARG A 153 -7.82 -9.18 1.90
CA ARG A 153 -9.23 -8.88 2.07
CA ARG A 153 -9.24 -8.87 2.07
C ARG A 153 -9.58 -8.67 3.53
N SER A 154 -9.09 -9.54 4.41
CA SER A 154 -9.44 -9.47 5.82
C SER A 154 -8.97 -8.15 6.44
N ALA A 155 -7.74 -7.73 6.11
CA ALA A 155 -7.21 -6.50 6.67
C ALA A 155 -7.96 -5.28 6.14
N TYR A 156 -8.19 -5.24 4.83
CA TYR A 156 -8.98 -4.16 4.25
C TYR A 156 -10.37 -4.09 4.86
N GLN A 157 -11.00 -5.26 5.07
CA GLN A 157 -12.36 -5.28 5.59
C GLN A 157 -12.42 -4.75 7.01
N GLU A 158 -11.49 -5.14 7.87
CA GLU A 158 -11.49 -4.63 9.24
C GLU A 158 -11.26 -3.12 9.25
N ALA A 159 -10.37 -2.63 8.38
CA ALA A 159 -10.14 -1.20 8.27
C ALA A 159 -11.40 -0.48 7.78
N MET A 160 -12.09 -1.08 6.81
CA MET A 160 -13.32 -0.50 6.30
C MET A 160 -14.36 -0.38 7.41
N ASP A 161 -14.54 -1.45 8.18
CA ASP A 161 -15.57 -1.43 9.23
C ASP A 161 -15.29 -0.34 10.25
N ILE A 162 -14.02 -0.18 10.65
CA ILE A 162 -13.66 0.88 11.60
C ILE A 162 -13.87 2.25 10.98
N SER A 163 -13.41 2.43 9.74
CA SER A 163 -13.47 3.74 9.10
C SER A 163 -14.93 4.18 8.93
N LYS A 164 -15.83 3.25 8.62
CA LYS A 164 -17.22 3.64 8.49
C LYS A 164 -17.84 4.02 9.83
N LYS A 165 -17.42 3.37 10.91
CA LYS A 165 -17.95 3.69 12.23
C LYS A 165 -17.36 4.97 12.82
N GLU A 166 -16.08 5.24 12.56
CA GLU A 166 -15.33 6.22 13.34
C GLU A 166 -14.87 7.45 12.58
N MET A 167 -15.00 7.47 11.25
CA MET A 167 -14.47 8.55 10.43
C MET A 167 -15.54 9.12 9.52
N PRO A 168 -15.48 10.41 9.25
CA PRO A 168 -16.38 11.00 8.27
C PRO A 168 -16.05 10.52 6.87
N PRO A 169 -17.01 10.60 5.94
CA PRO A 169 -16.78 10.04 4.60
C PRO A 169 -15.70 10.75 3.82
N THR A 170 -15.31 11.96 4.21
CA THR A 170 -14.29 12.71 3.49
C THR A 170 -12.90 12.55 4.11
N ASN A 171 -12.78 11.78 5.19
CA ASN A 171 -11.48 11.59 5.81
CA ASN A 171 -11.48 11.59 5.81
C ASN A 171 -10.50 11.01 4.80
N PRO A 172 -9.31 11.60 4.61
CA PRO A 172 -8.40 11.10 3.56
C PRO A 172 -7.96 9.66 3.75
N ILE A 173 -7.79 9.20 5.00
CA ILE A 173 -7.40 7.81 5.20
C ILE A 173 -8.54 6.90 4.79
N ARG A 174 -9.78 7.24 5.18
CA ARG A 174 -10.92 6.44 4.76
C ARG A 174 -11.04 6.39 3.24
N LEU A 175 -10.81 7.53 2.58
CA LEU A 175 -10.91 7.57 1.12
C LEU A 175 -9.82 6.75 0.45
N GLY A 176 -8.57 6.87 0.92
CA GLY A 176 -7.50 6.10 0.32
C GLY A 176 -7.66 4.61 0.54
N LEU A 177 -8.17 4.23 1.71
CA LEU A 177 -8.50 2.83 1.97
C LEU A 177 -9.54 2.32 0.98
N ALA A 178 -10.61 3.07 0.78
CA ALA A 178 -11.65 2.62 -0.14
C ALA A 178 -11.11 2.54 -1.56
N LEU A 179 -10.32 3.53 -1.97
CA LEU A 179 -9.70 3.48 -3.30
C LEU A 179 -8.90 2.19 -3.48
N ASN A 180 -8.05 1.86 -2.50
CA ASN A 180 -7.18 0.69 -2.66
C ASN A 180 -7.95 -0.62 -2.52
N PHE A 181 -8.94 -0.68 -1.61
CA PHE A 181 -9.78 -1.88 -1.53
C PHE A 181 -10.52 -2.08 -2.85
N SER A 182 -10.95 -0.98 -3.48
CA SER A 182 -11.58 -1.08 -4.79
C SER A 182 -10.62 -1.64 -5.83
N VAL A 183 -9.36 -1.19 -5.82
CA VAL A 183 -8.35 -1.74 -6.73
C VAL A 183 -8.13 -3.22 -6.44
N PHE A 184 -8.08 -3.59 -5.16
CA PHE A 184 -7.99 -5.01 -4.81
C PHE A 184 -9.09 -5.82 -5.47
N HIS A 185 -10.35 -5.37 -5.33
CA HIS A 185 -11.46 -6.10 -5.93
C HIS A 185 -11.26 -6.23 -7.45
N TYR A 186 -10.82 -5.16 -8.11
CA TYR A 186 -10.77 -5.16 -9.56
C TYR A 186 -9.60 -6.00 -10.08
N GLU A 187 -8.41 -5.80 -9.50
CA GLU A 187 -7.18 -6.36 -10.06
C GLU A 187 -6.79 -7.70 -9.45
N ILE A 188 -7.18 -7.97 -8.21
CA ILE A 188 -6.73 -9.15 -7.48
C ILE A 188 -7.84 -10.18 -7.34
N ALA A 189 -9.04 -9.75 -6.92
CA ALA A 189 -10.11 -10.66 -6.56
C ALA A 189 -11.05 -10.97 -7.72
N ASN A 190 -10.78 -10.47 -8.91
CA ASN A 190 -11.65 -10.74 -10.06
C ASN A 190 -13.09 -10.36 -9.76
N SER A 191 -13.27 -9.20 -9.09
CA SER A 191 -14.60 -8.71 -8.71
C SER A 191 -14.77 -7.27 -9.19
N PRO A 192 -14.80 -7.06 -10.50
CA PRO A 192 -14.94 -5.68 -11.01
C PRO A 192 -16.22 -5.01 -10.59
N GLU A 193 -17.33 -5.74 -10.46
CA GLU A 193 -18.57 -5.09 -10.04
C GLU A 193 -18.45 -4.56 -8.63
N GLU A 194 -17.85 -5.33 -7.73
CA GLU A 194 -17.63 -4.86 -6.37
C GLU A 194 -16.71 -3.65 -6.37
N ALA A 195 -15.66 -3.67 -7.21
CA ALA A 195 -14.74 -2.54 -7.29
C ALA A 195 -15.47 -1.27 -7.71
N ILE A 196 -16.34 -1.38 -8.72
CA ILE A 196 -17.07 -0.23 -9.22
C ILE A 196 -18.08 0.27 -8.18
N SER A 197 -18.82 -0.65 -7.55
CA SER A 197 -19.79 -0.24 -6.53
CA SER A 197 -19.79 -0.24 -6.53
C SER A 197 -19.10 0.48 -5.38
N LEU A 198 -17.97 -0.06 -4.92
CA LEU A 198 -17.29 0.58 -3.79
C LEU A 198 -16.77 1.96 -4.18
N ALA A 199 -16.17 2.10 -5.36
CA ALA A 199 -15.64 3.40 -5.75
C ALA A 199 -16.74 4.43 -5.90
N LYS A 200 -17.89 4.02 -6.47
CA LYS A 200 -18.98 4.96 -6.68
C LYS A 200 -19.60 5.40 -5.35
N THR A 201 -19.92 4.45 -4.46
CA THR A 201 -20.55 4.85 -3.21
C THR A 201 -19.59 5.68 -2.37
N THR A 202 -18.30 5.35 -2.39
CA THR A 202 -17.32 6.16 -1.67
C THR A 202 -17.29 7.58 -2.21
N PHE A 203 -17.24 7.72 -3.53
CA PHE A 203 -17.22 9.06 -4.13
C PHE A 203 -18.48 9.83 -3.77
N ASP A 204 -19.65 9.22 -3.95
CA ASP A 204 -20.92 9.91 -3.73
C ASP A 204 -21.08 10.35 -2.28
N GLU A 205 -20.68 9.51 -1.33
CA GLU A 205 -20.87 9.86 0.07
C GLU A 205 -19.88 10.92 0.51
N ALA A 206 -18.68 10.95 -0.08
CA ALA A 206 -17.75 12.03 0.21
C ALA A 206 -18.25 13.35 -0.38
N MET A 207 -18.72 13.32 -1.63
CA MET A 207 -19.29 14.50 -2.27
C MET A 207 -20.29 15.20 -1.35
N ALA A 208 -21.18 14.42 -0.74
CA ALA A 208 -22.26 14.95 0.08
C ALA A 208 -21.79 15.47 1.43
N ASP A 209 -20.54 15.18 1.81
CA ASP A 209 -19.97 15.64 3.08
C ASP A 209 -18.99 16.79 2.89
N LEU A 210 -18.71 17.18 1.65
CA LEU A 210 -17.76 18.26 1.42
C LEU A 210 -18.19 19.56 2.09
N HIS A 211 -19.50 19.78 2.23
CA HIS A 211 -20.00 21.05 2.73
C HIS A 211 -19.60 21.32 4.18
N THR A 212 -19.10 20.33 4.89
CA THR A 212 -18.68 20.48 6.27
C THR A 212 -17.23 20.92 6.41
N LEU A 213 -16.48 20.99 5.32
CA LEU A 213 -15.03 21.13 5.39
C LEU A 213 -14.60 22.58 5.17
N SER A 214 -13.46 22.93 5.75
CA SER A 214 -12.80 24.19 5.46
C SER A 214 -12.14 24.13 4.08
N GLU A 215 -11.72 25.30 3.59
CA GLU A 215 -11.19 25.42 2.24
C GLU A 215 -9.81 24.77 2.11
N ASP A 216 -8.80 25.39 2.74
CA ASP A 216 -7.42 24.88 2.67
C ASP A 216 -7.26 23.53 3.35
N SER A 217 -8.37 22.93 3.78
CA SER A 217 -8.37 21.55 4.21
C SER A 217 -8.41 20.61 2.99
N TYR A 218 -8.18 19.34 3.26
CA TYR A 218 -8.64 18.25 2.42
C TYR A 218 -8.09 18.30 0.99
N LYS A 219 -6.95 18.97 0.76
CA LYS A 219 -6.27 18.83 -0.52
C LYS A 219 -6.00 17.36 -0.82
N ASP A 220 -5.63 16.59 0.22
CA ASP A 220 -5.43 15.15 0.01
C ASP A 220 -6.75 14.45 -0.30
N SER A 221 -7.88 14.92 0.24
N SER A 221 -7.88 14.94 0.23
CA SER A 221 -9.16 14.28 -0.03
CA SER A 221 -9.16 14.29 -0.02
C SER A 221 -9.66 14.61 -1.43
C SER A 221 -9.72 14.64 -1.39
N THR A 222 -9.45 15.86 -1.88
CA THR A 222 -9.79 16.21 -3.25
C THR A 222 -9.01 15.34 -4.23
N LEU A 223 -7.70 15.23 -3.99
CA LEU A 223 -6.83 14.39 -4.81
C LEU A 223 -7.35 12.98 -4.89
N ILE A 224 -7.78 12.41 -3.74
CA ILE A 224 -8.18 11.01 -3.72
C ILE A 224 -9.54 10.82 -4.38
N MET A 225 -10.47 11.76 -4.15
CA MET A 225 -11.75 11.68 -4.85
C MET A 225 -11.56 11.67 -6.36
N GLN A 226 -10.59 12.45 -6.86
CA GLN A 226 -10.30 12.44 -8.28
C GLN A 226 -9.77 11.09 -8.73
N LEU A 227 -8.97 10.43 -7.89
CA LEU A 227 -8.45 9.12 -8.24
C LEU A 227 -9.58 8.08 -8.32
N LEU A 228 -10.56 8.19 -7.42
CA LEU A 228 -11.74 7.34 -7.53
C LEU A 228 -12.47 7.59 -8.85
N ARG A 229 -12.65 8.86 -9.20
CA ARG A 229 -13.31 9.18 -10.47
C ARG A 229 -12.50 8.66 -11.65
N ASP A 230 -11.16 8.82 -11.59
CA ASP A 230 -10.32 8.32 -12.67
C ASP A 230 -10.51 6.82 -12.85
N ASN A 231 -10.55 6.06 -11.74
CA ASN A 231 -10.70 4.62 -11.88
C ASN A 231 -12.07 4.25 -12.44
N LEU A 232 -13.12 4.93 -11.98
CA LEU A 232 -14.45 4.66 -12.52
C LEU A 232 -14.51 4.94 -14.02
N THR A 233 -13.79 5.95 -14.47
CA THR A 233 -13.77 6.28 -15.90
C THR A 233 -13.05 5.20 -16.70
N LEU A 234 -11.98 4.63 -16.13
CA LEU A 234 -11.28 3.54 -16.78
C LEU A 234 -12.09 2.25 -16.78
N TRP A 235 -12.86 2.01 -15.72
CA TRP A 235 -13.51 0.74 -15.52
C TRP A 235 -14.88 0.65 -16.16
N THR A 236 -15.46 1.76 -16.59
CA THR A 236 -16.82 1.76 -17.12
C THR A 236 -16.91 2.42 -18.49
N ALA B 9 -5.12 3.28 -10.42
CA ALA B 9 -4.55 4.24 -9.48
C ALA B 9 -4.83 3.82 -8.05
N GLN B 11 -3.63 4.66 -3.71
CA GLN B 11 -3.12 5.69 -2.82
C GLN B 11 -3.16 5.20 -1.38
#